data_5NFJ
#
_entry.id   5NFJ
#
_cell.length_a   82.640
_cell.length_b   82.640
_cell.length_c   148.620
_cell.angle_alpha   90.00
_cell.angle_beta   90.00
_cell.angle_gamma   90.00
#
_symmetry.space_group_name_H-M   'P 43'
#
loop_
_entity.id
_entity.type
_entity.pdbx_description
1 polymer 'Mitochondrial ribonuclease P protein 1'
2 non-polymer S-ADENOSYLMETHIONINE
3 non-polymer GLYCEROL
4 non-polymer 1,2-ETHANEDIOL
5 water water
#
_entity_poly.entity_id   1
_entity_poly.type   'polypeptide(L)'
_entity_poly.pdbx_seq_one_letter_code
;MQPLVFDMAYENYMKRKELQNTVSQLLESEGWNRRNVDPFHIYFCNLKIDGALHRELVKRYQEKWDKLLLTSTEKSHVDL
FPKDSIIYLTADSPNVMTTFRHDKVYVIGSFVDKSMQPGTSLAKAKRLNLATECLPLDKYLQWEIGNKNLTLDQMIRILL
CLKNNGNWQEALQFVPKRKHTGFLEISQHSQEFINRLKKAKT
;
_entity_poly.pdbx_strand_id   A,B,C
#
# COMPACT_ATOMS: atom_id res chain seq x y z
N MET A 1 22.20 10.45 -2.24
CA MET A 1 21.48 9.30 -1.71
C MET A 1 22.45 8.11 -1.68
N GLN A 2 22.35 7.29 -0.62
CA GLN A 2 23.18 6.07 -0.44
C GLN A 2 22.92 4.91 -1.40
N PRO A 3 23.96 4.49 -2.15
CA PRO A 3 23.83 3.35 -3.04
C PRO A 3 23.73 2.02 -2.28
N LEU A 4 23.04 1.03 -2.89
CA LEU A 4 22.98 -0.39 -2.38
C LEU A 4 23.05 -1.27 -3.59
N VAL A 5 24.04 -2.17 -3.64
CA VAL A 5 24.29 -2.98 -4.80
C VAL A 5 23.78 -4.42 -4.70
N PHE A 6 23.13 -4.90 -5.75
CA PHE A 6 22.80 -6.28 -5.92
C PHE A 6 23.74 -6.78 -7.05
N ASP A 7 24.61 -7.74 -6.68
CA ASP A 7 25.64 -8.31 -7.64
C ASP A 7 25.15 -9.47 -8.42
N MET A 8 25.03 -9.29 -9.73
CA MET A 8 24.45 -10.29 -10.63
C MET A 8 25.50 -11.29 -11.31
N ALA A 9 26.53 -11.60 -10.59
CA ALA A 9 27.65 -12.48 -11.04
C ALA A 9 27.47 -13.93 -10.68
N TYR A 10 26.23 -14.41 -10.49
CA TYR A 10 26.01 -15.79 -10.02
C TYR A 10 25.20 -16.63 -10.89
N GLU A 11 24.87 -16.09 -12.03
CA GLU A 11 23.98 -16.74 -12.97
C GLU A 11 24.44 -18.18 -13.41
N ASN A 12 25.74 -18.35 -13.56
CA ASN A 12 26.35 -19.61 -13.99
C ASN A 12 26.14 -20.73 -12.96
N TYR A 13 25.96 -20.36 -11.69
CA TYR A 13 25.65 -21.34 -10.67
C TYR A 13 24.23 -21.83 -10.53
N MET A 14 23.24 -21.42 -11.35
CA MET A 14 21.90 -21.71 -10.99
C MET A 14 21.17 -22.39 -12.08
N LYS A 15 20.22 -23.25 -11.71
CA LYS A 15 19.27 -23.82 -12.70
C LYS A 15 18.07 -22.90 -13.00
N ARG A 16 17.21 -23.31 -13.93
CA ARG A 16 16.04 -22.54 -14.35
C ARG A 16 15.09 -22.17 -13.19
N LYS A 17 14.93 -23.04 -12.19
CA LYS A 17 14.07 -22.77 -11.01
C LYS A 17 14.63 -21.71 -10.04
N GLU A 18 15.92 -21.80 -9.78
CA GLU A 18 16.61 -20.89 -8.85
C GLU A 18 16.88 -19.44 -9.40
N LEU A 19 17.19 -19.38 -10.69
CA LEU A 19 17.24 -18.12 -11.41
C LEU A 19 15.86 -17.41 -11.36
N GLN A 20 14.78 -18.14 -11.60
CA GLN A 20 13.43 -17.59 -11.45
C GLN A 20 13.16 -17.04 -10.03
N ASN A 21 13.53 -17.79 -9.00
CA ASN A 21 13.40 -17.35 -7.63
C ASN A 21 14.18 -16.07 -7.37
N THR A 22 15.41 -16.01 -7.88
CA THR A 22 16.27 -14.83 -7.76
C THR A 22 15.56 -13.62 -8.36
N VAL A 23 14.98 -13.77 -9.55
CA VAL A 23 14.28 -12.69 -10.18
C VAL A 23 13.05 -12.23 -9.35
N SER A 24 12.27 -13.18 -8.85
CA SER A 24 11.16 -12.87 -7.93
C SER A 24 11.65 -12.09 -6.70
N GLN A 25 12.75 -12.50 -6.08
CA GLN A 25 13.24 -11.82 -4.90
C GLN A 25 13.76 -10.38 -5.17
N LEU A 26 14.35 -10.17 -6.33
CA LEU A 26 14.83 -8.84 -6.74
C LEU A 26 13.64 -7.85 -6.97
N LEU A 27 12.60 -8.33 -7.65
CA LEU A 27 11.34 -7.52 -7.82
C LEU A 27 10.71 -7.15 -6.51
N GLU A 28 10.62 -8.10 -5.59
CA GLU A 28 10.12 -7.82 -4.28
C GLU A 28 10.97 -6.77 -3.54
N SER A 29 12.30 -6.85 -3.68
CA SER A 29 13.20 -5.94 -2.99
C SER A 29 13.03 -4.52 -3.46
N GLU A 30 12.99 -4.35 -4.77
CA GLU A 30 12.81 -3.00 -5.37
C GLU A 30 11.45 -2.41 -4.90
N GLY A 31 10.47 -3.28 -4.71
CA GLY A 31 9.15 -2.80 -4.17
C GLY A 31 9.20 -2.29 -2.77
N TRP A 32 9.88 -3.00 -1.85
CA TRP A 32 10.12 -2.48 -0.50
C TRP A 32 10.85 -1.14 -0.45
N ASN A 33 11.81 -0.96 -1.38
CA ASN A 33 12.53 0.29 -1.50
C ASN A 33 11.60 1.46 -1.95
N ARG A 34 10.76 1.20 -2.92
CA ARG A 34 9.77 2.19 -3.38
C ARG A 34 8.73 2.63 -2.31
N ARG A 35 8.49 1.80 -1.30
CA ARG A 35 7.59 2.09 -0.18
C ARG A 35 8.22 3.05 0.81
N ASN A 36 9.56 3.13 0.88
CA ASN A 36 10.23 3.81 1.98
C ASN A 36 10.38 5.29 1.71
N VAL A 37 10.19 6.14 2.72
CA VAL A 37 10.37 7.60 2.45
C VAL A 37 11.83 8.04 2.42
N ASP A 38 12.76 7.19 2.91
CA ASP A 38 14.21 7.39 2.84
C ASP A 38 14.87 6.14 2.20
N PRO A 39 14.68 5.93 0.91
CA PRO A 39 15.16 4.72 0.24
C PRO A 39 16.68 4.75 -0.05
N PHE A 40 17.20 3.60 -0.49
CA PHE A 40 18.51 3.49 -1.12
C PHE A 40 18.40 3.89 -2.60
N HIS A 41 19.51 4.28 -3.21
CA HIS A 41 19.65 4.22 -4.69
C HIS A 41 20.12 2.78 -5.04
N ILE A 42 19.24 1.97 -5.61
CA ILE A 42 19.53 0.60 -5.94
C ILE A 42 20.35 0.53 -7.24
N TYR A 43 21.47 -0.24 -7.19
CA TYR A 43 22.29 -0.61 -8.37
C TYR A 43 22.25 -2.10 -8.60
N PHE A 44 21.96 -2.47 -9.84
CA PHE A 44 22.13 -3.87 -10.33
C PHE A 44 23.49 -3.88 -11.09
N CYS A 45 24.50 -4.43 -10.45
CA CYS A 45 25.86 -4.53 -11.07
C CYS A 45 26.21 -5.90 -11.61
N ASN A 46 27.17 -5.95 -12.55
CA ASN A 46 27.57 -7.19 -13.22
C ASN A 46 26.47 -7.83 -13.93
N LEU A 47 25.54 -7.04 -14.46
CA LEU A 47 24.40 -7.59 -15.13
C LEU A 47 24.74 -7.68 -16.64
N LYS A 48 25.02 -8.89 -17.10
CA LYS A 48 25.48 -9.11 -18.44
C LYS A 48 24.37 -8.97 -19.43
N ILE A 49 24.58 -8.12 -20.43
CA ILE A 49 23.58 -7.86 -21.46
C ILE A 49 23.33 -9.15 -22.19
N ASP A 50 22.07 -9.51 -22.38
CA ASP A 50 21.72 -10.77 -23.01
C ASP A 50 22.23 -12.05 -22.32
N GLY A 51 22.60 -11.97 -21.04
CA GLY A 51 22.68 -13.19 -20.20
C GLY A 51 21.30 -13.71 -19.77
N ALA A 52 21.33 -14.80 -19.00
CA ALA A 52 20.13 -15.52 -18.53
C ALA A 52 19.18 -14.63 -17.71
N LEU A 53 19.73 -13.89 -16.74
CA LEU A 53 18.99 -12.90 -15.90
C LEU A 53 18.37 -11.71 -16.64
N HIS A 54 19.17 -11.03 -17.42
CA HIS A 54 18.68 -9.98 -18.33
C HIS A 54 17.59 -10.55 -19.29
N ARG A 55 17.84 -11.70 -19.89
CA ARG A 55 16.85 -12.36 -20.80
C ARG A 55 15.58 -12.73 -20.06
N GLU A 56 15.70 -13.11 -18.78
CA GLU A 56 14.52 -13.51 -17.97
C GLU A 56 13.67 -12.30 -17.70
N LEU A 57 14.29 -11.20 -17.29
CA LEU A 57 13.60 -9.91 -17.13
C LEU A 57 12.92 -9.41 -18.41
N VAL A 58 13.59 -9.61 -19.55
CA VAL A 58 13.14 -9.00 -20.81
C VAL A 58 12.01 -9.84 -21.49
N LYS A 59 12.18 -11.16 -21.57
CA LYS A 59 11.15 -12.07 -22.11
C LYS A 59 9.91 -12.25 -21.22
N ARG A 60 10.11 -12.44 -19.92
CA ARG A 60 9.03 -12.81 -19.02
C ARG A 60 8.48 -11.66 -18.13
N TYR A 61 9.24 -10.57 -17.95
CA TYR A 61 8.81 -9.42 -17.13
C TYR A 61 9.09 -8.05 -17.77
N GLN A 62 8.97 -7.95 -19.09
CA GLN A 62 9.17 -6.66 -19.79
C GLN A 62 8.41 -5.42 -19.28
N GLU A 63 7.09 -5.52 -19.11
CA GLU A 63 6.33 -4.37 -18.58
C GLU A 63 7.00 -3.95 -17.23
N LYS A 64 7.25 -4.94 -16.35
CA LYS A 64 7.76 -4.66 -14.98
C LYS A 64 9.22 -4.17 -15.02
N TRP A 65 10.03 -4.85 -15.83
CA TRP A 65 11.40 -4.40 -16.14
C TRP A 65 11.51 -2.89 -16.57
N ASP A 66 10.64 -2.39 -17.44
CA ASP A 66 10.71 -0.98 -17.94
C ASP A 66 10.45 0.10 -16.84
N LYS A 67 9.72 -0.24 -15.76
CA LYS A 67 9.39 0.73 -14.69
C LYS A 67 10.17 0.68 -13.34
N LEU A 68 11.20 -0.16 -13.19
CA LEU A 68 11.93 -0.22 -11.90
C LEU A 68 12.70 1.13 -11.67
N LEU A 69 12.75 1.63 -10.43
CA LEU A 69 13.55 2.82 -10.06
C LEU A 69 14.91 2.34 -9.50
N LEU A 70 15.86 2.23 -10.43
CA LEU A 70 17.23 1.76 -10.12
C LEU A 70 18.20 2.05 -11.25
N THR A 71 19.48 1.84 -11.01
CA THR A 71 20.48 1.89 -12.13
C THR A 71 21.07 0.47 -12.40
N SER A 72 20.98 -0.03 -13.63
CA SER A 72 21.57 -1.28 -13.98
C SER A 72 22.74 -1.06 -14.97
N THR A 73 23.78 -1.89 -14.80
CA THR A 73 25.01 -1.80 -15.60
C THR A 73 25.72 -3.19 -15.69
N GLU A 74 26.47 -3.39 -16.78
CA GLU A 74 27.45 -4.48 -16.92
C GLU A 74 28.64 -4.30 -16.04
N LYS A 75 28.94 -3.09 -15.62
CA LYS A 75 30.10 -2.88 -14.77
C LYS A 75 29.99 -3.48 -13.38
N SER A 76 31.15 -3.61 -12.72
CA SER A 76 31.21 -4.05 -11.35
C SER A 76 31.11 -2.90 -10.36
N HIS A 77 30.65 -3.23 -9.16
CA HIS A 77 30.76 -2.32 -8.01
C HIS A 77 32.17 -1.75 -7.89
N VAL A 78 33.20 -2.56 -8.13
CA VAL A 78 34.61 -2.04 -8.02
C VAL A 78 35.02 -1.06 -9.11
N ASP A 79 34.35 -1.14 -10.27
CA ASP A 79 34.51 -0.12 -11.30
C ASP A 79 33.85 1.22 -10.95
N LEU A 80 32.91 1.30 -10.00
CA LEU A 80 32.14 2.54 -9.75
C LEU A 80 32.42 3.23 -8.46
N PHE A 81 32.61 2.50 -7.36
CA PHE A 81 32.76 3.11 -6.04
C PHE A 81 34.19 2.81 -5.56
N PRO A 82 34.75 3.64 -4.67
CA PRO A 82 36.12 3.34 -4.14
C PRO A 82 36.14 2.11 -3.22
N LYS A 83 37.17 1.24 -3.31
CA LYS A 83 37.22 -0.01 -2.50
C LYS A 83 37.09 0.19 -1.01
N ASP A 84 37.63 1.28 -0.51
CA ASP A 84 37.48 1.68 0.88
C ASP A 84 36.04 1.87 1.38
N SER A 85 35.11 2.14 0.46
CA SER A 85 33.73 2.38 0.86
C SER A 85 32.83 1.11 0.73
N ILE A 86 33.34 0.03 0.10
CA ILE A 86 32.60 -1.23 -0.16
C ILE A 86 32.62 -2.19 1.05
N ILE A 87 31.45 -2.75 1.39
CA ILE A 87 31.36 -3.89 2.28
C ILE A 87 30.48 -4.97 1.65
N TYR A 88 31.05 -6.15 1.37
CA TYR A 88 30.31 -7.27 0.80
C TYR A 88 29.67 -8.05 1.96
N LEU A 89 28.32 -8.15 1.94
CA LEU A 89 27.58 -8.86 2.97
C LEU A 89 27.58 -10.33 2.64
N THR A 90 27.91 -11.18 3.63
CA THR A 90 27.81 -12.66 3.45
C THR A 90 27.78 -13.37 4.80
N ALA A 91 26.88 -14.36 4.96
CA ALA A 91 26.71 -15.03 6.24
C ALA A 91 28.04 -15.81 6.56
N ASP A 92 28.74 -16.27 5.53
CA ASP A 92 30.05 -16.90 5.70
C ASP A 92 31.17 -15.95 6.17
N SER A 93 30.99 -14.64 6.24
CA SER A 93 32.06 -13.74 6.73
C SER A 93 32.42 -13.99 8.18
N PRO A 94 33.71 -13.76 8.57
CA PRO A 94 34.13 -13.85 9.97
C PRO A 94 33.97 -12.56 10.70
N ASN A 95 33.60 -11.48 10.04
CA ASN A 95 33.39 -10.22 10.77
C ASN A 95 31.90 -9.95 11.04
N VAL A 96 31.49 -9.92 12.31
CA VAL A 96 30.09 -9.72 12.70
C VAL A 96 29.72 -8.25 12.68
N MET A 97 28.74 -7.88 11.85
CA MET A 97 28.34 -6.45 11.76
C MET A 97 27.84 -5.94 13.09
N THR A 98 28.30 -4.76 13.52
CA THR A 98 27.76 -4.10 14.74
C THR A 98 27.02 -2.75 14.50
N THR A 99 27.29 -2.09 13.37
CA THR A 99 26.90 -0.69 13.14
C THR A 99 26.56 -0.44 11.68
N PHE A 100 25.36 0.04 11.39
CA PHE A 100 25.00 0.41 10.02
C PHE A 100 25.72 1.71 9.73
N ARG A 101 26.40 1.79 8.61
CA ARG A 101 27.14 3.01 8.27
C ARG A 101 26.54 3.66 7.02
N HIS A 102 26.24 4.94 7.15
CA HIS A 102 25.67 5.76 6.07
C HIS A 102 26.65 6.14 4.99
N ASP A 103 27.95 6.02 5.24
CA ASP A 103 28.97 6.30 4.24
C ASP A 103 29.52 5.08 3.57
N LYS A 104 28.86 3.94 3.68
CA LYS A 104 29.29 2.72 2.96
C LYS A 104 28.34 2.24 1.92
N VAL A 105 28.89 1.57 0.90
CA VAL A 105 28.17 0.85 -0.10
C VAL A 105 28.12 -0.66 0.21
N TYR A 106 26.99 -1.14 0.71
CA TYR A 106 26.79 -2.57 0.96
C TYR A 106 26.50 -3.31 -0.30
N VAL A 107 27.00 -4.54 -0.43
CA VAL A 107 26.80 -5.38 -1.61
C VAL A 107 26.13 -6.67 -1.17
N ILE A 108 25.13 -7.12 -1.93
CA ILE A 108 24.38 -8.34 -1.62
C ILE A 108 24.52 -9.20 -2.85
N GLY A 109 24.81 -10.49 -2.67
CA GLY A 109 24.87 -11.40 -3.81
C GLY A 109 23.50 -11.87 -4.32
N SER A 110 23.27 -11.76 -5.62
CA SER A 110 22.03 -12.14 -6.25
C SER A 110 22.00 -13.62 -6.59
N PHE A 111 21.77 -14.41 -5.54
CA PHE A 111 22.04 -15.82 -5.60
C PHE A 111 21.08 -16.61 -4.70
N VAL A 112 20.34 -17.51 -5.31
CA VAL A 112 19.54 -18.48 -4.55
C VAL A 112 20.21 -19.87 -4.80
N ASP A 113 20.73 -20.46 -3.74
CA ASP A 113 21.39 -21.81 -3.74
C ASP A 113 20.82 -22.85 -2.74
N LYS A 114 19.97 -22.40 -1.83
CA LYS A 114 19.32 -23.23 -0.79
C LYS A 114 20.38 -23.75 0.19
N SER A 115 21.36 -22.89 0.50
CA SER A 115 22.52 -23.21 1.36
C SER A 115 23.46 -24.39 0.89
N MET A 116 23.28 -24.85 -0.34
CA MET A 116 24.06 -25.93 -0.92
C MET A 116 25.42 -25.47 -1.52
N GLN A 117 25.70 -24.16 -1.55
CA GLN A 117 26.91 -23.62 -2.25
C GLN A 117 27.57 -22.60 -1.41
N PRO A 118 27.98 -23.00 -0.18
CA PRO A 118 28.63 -22.08 0.71
C PRO A 118 30.01 -21.66 0.20
N GLY A 119 30.42 -20.56 0.82
CA GLY A 119 31.56 -19.75 0.44
C GLY A 119 31.59 -18.99 -0.84
N THR A 120 30.51 -19.05 -1.64
CA THR A 120 30.61 -18.59 -3.00
C THR A 120 30.89 -17.06 -3.07
N SER A 121 30.21 -16.33 -2.19
CA SER A 121 30.23 -14.89 -2.27
C SER A 121 31.41 -14.39 -1.47
N LEU A 122 31.67 -14.92 -0.28
CA LEU A 122 32.95 -14.71 0.44
C LEU A 122 34.21 -14.76 -0.46
N ALA A 123 34.31 -15.79 -1.28
CA ALA A 123 35.43 -15.84 -2.26
C ALA A 123 35.42 -14.75 -3.35
N LYS A 124 34.23 -14.40 -3.85
CA LYS A 124 34.15 -13.33 -4.86
C LYS A 124 34.60 -12.00 -4.25
N ALA A 125 34.33 -11.78 -2.98
CA ALA A 125 34.86 -10.61 -2.29
C ALA A 125 36.36 -10.61 -2.01
N LYS A 126 36.86 -11.70 -1.40
CA LYS A 126 38.33 -11.89 -1.11
C LYS A 126 39.22 -11.72 -2.34
N ARG A 127 38.86 -12.35 -3.41
CA ARG A 127 39.55 -12.20 -4.67
C ARG A 127 39.78 -10.75 -5.14
N LEU A 128 38.94 -9.79 -4.73
CA LEU A 128 39.15 -8.36 -5.11
C LEU A 128 39.55 -7.51 -3.91
N ASN A 129 39.91 -8.19 -2.81
CA ASN A 129 40.32 -7.56 -1.55
CA ASN A 129 40.35 -7.56 -1.56
C ASN A 129 39.28 -6.70 -0.88
N LEU A 130 37.98 -7.08 -0.98
CA LEU A 130 36.91 -6.28 -0.33
C LEU A 130 36.66 -6.70 1.12
N ALA A 131 36.47 -5.73 1.99
CA ALA A 131 35.96 -6.01 3.32
C ALA A 131 34.58 -6.75 3.25
N THR A 132 34.34 -7.65 4.22
CA THR A 132 33.11 -8.43 4.34
C THR A 132 32.56 -8.35 5.76
N GLU A 133 31.24 -8.56 5.89
CA GLU A 133 30.55 -8.65 7.18
C GLU A 133 29.35 -9.63 7.09
N CYS A 134 29.02 -10.21 8.24
CA CYS A 134 27.84 -11.04 8.38
C CYS A 134 26.88 -10.36 9.38
N LEU A 135 25.60 -10.73 9.30
CA LEU A 135 24.62 -10.15 10.19
C LEU A 135 24.76 -10.91 11.53
N PRO A 136 24.54 -10.23 12.67
CA PRO A 136 24.60 -10.79 14.00
C PRO A 136 23.38 -11.64 14.38
N LEU A 137 23.11 -12.67 13.61
CA LEU A 137 21.91 -13.48 13.85
C LEU A 137 22.03 -14.32 15.15
N ASP A 138 23.22 -14.86 15.44
CA ASP A 138 23.40 -15.68 16.66
C ASP A 138 23.24 -14.80 17.87
N LYS A 139 23.93 -13.68 17.88
CA LYS A 139 23.89 -12.77 19.00
C LYS A 139 22.46 -12.34 19.42
N TYR A 140 21.62 -11.93 18.47
CA TYR A 140 20.29 -11.34 18.76
C TYR A 140 19.13 -12.29 18.56
N LEU A 141 19.40 -13.51 18.12
CA LEU A 141 18.39 -14.57 18.06
C LEU A 141 18.97 -15.92 18.52
N GLN A 142 19.30 -16.06 19.80
CA GLN A 142 19.76 -17.37 20.33
C GLN A 142 18.62 -18.41 20.25
N TRP A 143 18.93 -19.60 19.72
CA TRP A 143 17.91 -20.58 19.28
C TRP A 143 16.98 -19.91 18.22
N GLU A 144 15.82 -20.47 17.91
CA GLU A 144 14.95 -19.97 16.80
C GLU A 144 15.64 -20.07 15.43
N ILE A 145 16.78 -20.78 15.36
CA ILE A 145 17.81 -20.62 14.30
C ILE A 145 17.22 -20.34 12.90
N GLY A 146 16.56 -21.33 12.30
CA GLY A 146 16.40 -21.39 10.85
C GLY A 146 17.78 -21.57 10.19
N ASN A 147 17.82 -21.32 8.89
CA ASN A 147 19.05 -21.24 8.10
C ASN A 147 19.50 -19.76 8.11
N LYS A 148 20.79 -19.49 8.31
CA LYS A 148 21.31 -18.14 8.38
C LYS A 148 21.45 -17.38 7.01
N ASN A 149 21.31 -18.07 5.90
CA ASN A 149 21.37 -17.53 4.56
C ASN A 149 19.96 -17.00 4.12
N LEU A 150 19.77 -15.73 4.36
CA LEU A 150 18.50 -15.02 4.13
C LEU A 150 18.26 -14.70 2.66
N THR A 151 16.99 -14.41 2.34
CA THR A 151 16.58 -14.05 0.99
C THR A 151 16.96 -12.56 0.72
N LEU A 152 16.92 -12.17 -0.54
CA LEU A 152 17.33 -10.79 -0.95
C LEU A 152 16.36 -9.74 -0.39
N ASP A 153 15.04 -10.05 -0.34
CA ASP A 153 14.02 -9.08 0.19
C ASP A 153 14.05 -8.96 1.69
N GLN A 154 14.35 -10.09 2.35
CA GLN A 154 14.72 -10.00 3.77
C GLN A 154 15.92 -9.04 4.04
N MET A 155 17.03 -9.25 3.34
CA MET A 155 18.18 -8.37 3.50
C MET A 155 17.79 -6.89 3.31
N ILE A 156 17.08 -6.54 2.23
CA ILE A 156 16.82 -5.07 2.06
C ILE A 156 15.95 -4.44 3.18
N ARG A 157 15.01 -5.22 3.69
CA ARG A 157 14.11 -4.70 4.75
C ARG A 157 14.85 -4.48 6.03
N ILE A 158 15.83 -5.36 6.30
CA ILE A 158 16.69 -5.23 7.49
C ILE A 158 17.53 -3.98 7.35
N LEU A 159 18.19 -3.86 6.22
CA LEU A 159 19.03 -2.70 5.98
C LEU A 159 18.24 -1.36 5.91
N LEU A 160 17.05 -1.37 5.29
CA LEU A 160 16.15 -0.18 5.38
C LEU A 160 15.82 0.23 6.86
N CYS A 161 15.46 -0.75 7.68
CA CYS A 161 15.16 -0.47 9.07
C CYS A 161 16.37 0.16 9.76
N LEU A 162 17.55 -0.45 9.59
CA LEU A 162 18.74 0.12 10.22
C LEU A 162 19.08 1.48 9.67
N LYS A 163 18.99 1.63 8.35
CA LYS A 163 19.18 2.96 7.73
C LYS A 163 18.26 4.04 8.31
N ASN A 164 17.01 3.67 8.61
CA ASN A 164 16.05 4.62 9.18
C ASN A 164 16.15 4.63 10.74
N ASN A 165 17.32 4.35 11.30
CA ASN A 165 17.57 4.49 12.76
C ASN A 165 16.88 3.46 13.67
N GLY A 166 16.51 2.29 13.13
CA GLY A 166 16.05 1.18 13.97
C GLY A 166 17.21 0.45 14.70
N ASN A 167 16.90 -0.14 15.86
CA ASN A 167 17.87 -0.96 16.61
C ASN A 167 17.86 -2.39 16.06
N TRP A 168 18.77 -3.25 16.53
CA TRP A 168 18.85 -4.63 16.04
C TRP A 168 17.58 -5.49 16.26
N GLN A 169 16.85 -5.27 17.36
CA GLN A 169 15.65 -6.10 17.65
C GLN A 169 14.53 -5.80 16.63
N GLU A 170 14.32 -4.50 16.34
CA GLU A 170 13.39 -4.04 15.29
C GLU A 170 13.82 -4.53 13.88
N ALA A 171 15.09 -4.28 13.48
CA ALA A 171 15.59 -4.74 12.18
C ALA A 171 15.42 -6.18 11.97
N LEU A 172 15.56 -6.98 13.03
CA LEU A 172 15.60 -8.43 12.79
C LEU A 172 14.25 -9.09 12.88
N GLN A 173 13.18 -8.30 13.03
CA GLN A 173 11.82 -8.84 12.92
C GLN A 173 11.55 -9.51 11.59
N PHE A 174 12.28 -9.12 10.54
CA PHE A 174 12.04 -9.70 9.21
C PHE A 174 12.62 -11.12 9.04
N VAL A 175 13.35 -11.60 10.06
CA VAL A 175 13.94 -12.91 9.98
C VAL A 175 12.91 -13.94 10.42
N PRO A 176 12.49 -14.82 9.49
CA PRO A 176 11.55 -15.86 9.90
C PRO A 176 12.18 -16.79 10.95
N LYS A 177 11.48 -17.01 12.06
CA LYS A 177 12.00 -17.89 13.13
C LYS A 177 11.58 -19.37 12.90
N ARG A 178 12.38 -20.31 13.43
CA ARG A 178 12.16 -21.76 13.27
C ARG A 178 12.17 -22.19 11.81
N MET B 1 -3.63 4.62 -4.87
CA MET B 1 -3.68 3.16 -4.64
C MET B 1 -4.91 2.59 -5.34
N GLN B 2 -4.78 1.36 -5.83
CA GLN B 2 -5.82 0.72 -6.66
C GLN B 2 -6.90 0.07 -5.77
N PRO B 3 -8.16 0.53 -5.89
CA PRO B 3 -9.28 -0.23 -5.25
C PRO B 3 -9.51 -1.65 -5.75
N LEU B 4 -9.89 -2.55 -4.82
CA LEU B 4 -10.38 -3.87 -5.08
C LEU B 4 -11.66 -4.09 -4.24
N VAL B 5 -12.77 -4.46 -4.87
CA VAL B 5 -14.07 -4.71 -4.17
C VAL B 5 -14.43 -6.14 -3.91
N PHE B 6 -14.81 -6.44 -2.67
CA PHE B 6 -15.55 -7.66 -2.32
C PHE B 6 -17.06 -7.33 -2.15
N ASP B 7 -17.90 -7.95 -2.97
CA ASP B 7 -19.37 -7.61 -3.09
C ASP B 7 -20.12 -8.49 -2.11
N MET B 8 -20.68 -7.85 -1.07
CA MET B 8 -21.41 -8.53 -0.03
C MET B 8 -22.95 -8.82 -0.28
N ALA B 9 -23.39 -8.88 -1.53
CA ALA B 9 -24.81 -9.08 -1.89
C ALA B 9 -25.22 -10.55 -1.99
N TYR B 10 -24.61 -11.45 -1.22
CA TYR B 10 -24.88 -12.89 -1.35
C TYR B 10 -25.39 -13.55 -0.11
N GLU B 11 -25.60 -12.82 0.98
CA GLU B 11 -25.99 -13.52 2.21
C GLU B 11 -27.37 -14.20 2.10
N ASN B 12 -28.28 -13.70 1.29
CA ASN B 12 -29.59 -14.35 1.15
C ASN B 12 -29.54 -15.67 0.26
N TYR B 13 -28.36 -16.02 -0.27
CA TYR B 13 -28.13 -17.21 -1.08
C TYR B 13 -27.19 -18.16 -0.36
N MET B 14 -26.96 -17.96 0.95
CA MET B 14 -26.14 -18.88 1.71
C MET B 14 -26.77 -19.37 3.00
N LYS B 15 -26.54 -20.63 3.27
CA LYS B 15 -26.81 -21.23 4.57
C LYS B 15 -25.72 -20.83 5.51
N ARG B 16 -25.94 -21.12 6.78
CA ARG B 16 -25.04 -20.72 7.84
C ARG B 16 -23.57 -21.17 7.67
N LYS B 17 -23.36 -22.42 7.32
CA LYS B 17 -22.00 -22.94 7.18
C LYS B 17 -21.24 -22.18 6.07
N GLU B 18 -21.86 -21.96 4.91
CA GLU B 18 -21.22 -21.22 3.85
C GLU B 18 -20.94 -19.73 4.18
N LEU B 19 -21.84 -19.11 4.92
CA LEU B 19 -21.68 -17.72 5.39
C LEU B 19 -20.46 -17.66 6.29
N GLN B 20 -20.37 -18.58 7.20
CA GLN B 20 -19.25 -18.64 8.14
C GLN B 20 -17.92 -18.84 7.41
N ASN B 21 -17.91 -19.73 6.41
CA ASN B 21 -16.73 -19.93 5.58
C ASN B 21 -16.32 -18.68 4.79
N THR B 22 -17.32 -17.96 4.27
CA THR B 22 -17.12 -16.73 3.57
C THR B 22 -16.35 -15.73 4.47
N VAL B 23 -16.80 -15.59 5.71
CA VAL B 23 -16.12 -14.67 6.63
C VAL B 23 -14.65 -15.08 6.94
N SER B 24 -14.41 -16.36 7.15
CA SER B 24 -13.02 -16.92 7.24
C SER B 24 -12.15 -16.60 6.06
N GLN B 25 -12.67 -16.76 4.86
CA GLN B 25 -11.91 -16.44 3.67
C GLN B 25 -11.63 -14.94 3.54
N LEU B 26 -12.61 -14.13 3.94
CA LEU B 26 -12.40 -12.69 3.92
C LEU B 26 -11.29 -12.24 4.91
N LEU B 27 -11.25 -12.77 6.14
CA LEU B 27 -10.21 -12.45 7.09
C LEU B 27 -8.81 -12.79 6.54
N GLU B 28 -8.70 -13.96 5.94
CA GLU B 28 -7.45 -14.41 5.30
C GLU B 28 -7.02 -13.48 4.16
N SER B 29 -7.99 -13.08 3.34
CA SER B 29 -7.73 -12.18 2.22
C SER B 29 -7.21 -10.85 2.68
N GLU B 30 -7.81 -10.33 3.76
CA GLU B 30 -7.33 -9.03 4.25
C GLU B 30 -5.87 -9.10 4.76
N GLY B 31 -5.53 -10.20 5.41
CA GLY B 31 -4.18 -10.44 5.96
C GLY B 31 -3.14 -10.48 4.85
N TRP B 32 -3.44 -11.24 3.77
CA TRP B 32 -2.52 -11.28 2.63
C TRP B 32 -2.34 -9.91 2.01
N ASN B 33 -3.42 -9.11 1.91
CA ASN B 33 -3.29 -7.77 1.36
C ASN B 33 -2.42 -6.89 2.23
N ARG B 34 -2.65 -6.95 3.53
CA ARG B 34 -2.04 -5.99 4.46
C ARG B 34 -0.52 -6.15 4.53
N ARG B 35 -0.04 -7.38 4.40
CA ARG B 35 1.37 -7.79 4.45
C ARG B 35 2.09 -7.62 3.13
N ASN B 36 1.36 -7.33 2.06
CA ASN B 36 1.95 -7.39 0.72
C ASN B 36 2.83 -6.19 0.48
N VAL B 37 3.80 -6.36 -0.41
CA VAL B 37 4.71 -5.24 -0.75
C VAL B 37 4.02 -4.04 -1.44
N ASP B 38 2.91 -4.29 -2.14
CA ASP B 38 2.15 -3.23 -2.86
C ASP B 38 0.62 -3.52 -2.76
N PRO B 39 0.01 -3.23 -1.62
CA PRO B 39 -1.41 -3.58 -1.39
C PRO B 39 -2.43 -2.85 -2.27
N PHE B 40 -3.58 -3.53 -2.45
CA PHE B 40 -4.79 -2.84 -2.88
C PHE B 40 -5.39 -2.01 -1.70
N HIS B 41 -6.26 -1.05 -2.03
CA HIS B 41 -7.20 -0.46 -1.04
C HIS B 41 -8.45 -1.37 -1.16
N ILE B 42 -8.66 -2.20 -0.18
CA ILE B 42 -9.82 -3.09 -0.19
C ILE B 42 -11.10 -2.31 0.21
N TYR B 43 -12.17 -2.58 -0.55
CA TYR B 43 -13.59 -2.08 -0.30
C TYR B 43 -14.47 -3.29 -0.04
N PHE B 44 -15.23 -3.23 1.04
CA PHE B 44 -16.37 -4.10 1.24
C PHE B 44 -17.67 -3.32 0.84
N CYS B 45 -18.27 -3.68 -0.27
CA CYS B 45 -19.47 -2.97 -0.83
C CYS B 45 -20.76 -3.82 -0.62
N ASN B 46 -21.94 -3.14 -0.61
CA ASN B 46 -23.26 -3.75 -0.31
C ASN B 46 -23.26 -4.43 1.02
N LEU B 47 -22.48 -3.94 1.97
CA LEU B 47 -22.44 -4.54 3.30
C LEU B 47 -23.53 -3.86 4.20
N LYS B 48 -24.67 -4.53 4.33
CA LYS B 48 -25.79 -3.99 5.13
C LYS B 48 -25.52 -4.08 6.61
N ILE B 49 -25.72 -2.98 7.29
CA ILE B 49 -25.43 -2.89 8.75
C ILE B 49 -26.22 -3.87 9.62
N ASP B 50 -27.44 -4.15 9.25
CA ASP B 50 -28.17 -5.10 10.07
C ASP B 50 -28.21 -6.51 9.44
N GLY B 51 -27.31 -6.83 8.49
CA GLY B 51 -27.34 -8.15 7.81
C GLY B 51 -26.49 -9.18 8.53
N ALA B 52 -26.54 -10.41 8.04
CA ALA B 52 -25.87 -11.52 8.72
C ALA B 52 -24.33 -11.50 8.52
N LEU B 53 -23.86 -11.03 7.37
CA LEU B 53 -22.39 -10.96 7.16
C LEU B 53 -21.76 -9.94 8.09
N HIS B 54 -22.36 -8.74 8.19
CA HIS B 54 -21.92 -7.67 9.11
C HIS B 54 -21.80 -8.15 10.56
N ARG B 55 -22.84 -8.82 11.06
CA ARG B 55 -22.78 -9.38 12.41
CA ARG B 55 -22.80 -9.39 12.40
C ARG B 55 -21.66 -10.38 12.56
N GLU B 56 -21.49 -11.27 11.60
CA GLU B 56 -20.44 -12.31 11.72
C GLU B 56 -19.00 -11.70 11.65
N LEU B 57 -18.78 -10.72 10.76
CA LEU B 57 -17.52 -9.94 10.71
C LEU B 57 -17.16 -9.28 12.06
N VAL B 58 -18.12 -8.53 12.62
CA VAL B 58 -17.95 -7.92 13.94
C VAL B 58 -17.69 -8.98 15.03
N LYS B 59 -18.44 -10.07 15.05
CA LYS B 59 -18.14 -11.22 15.95
C LYS B 59 -16.67 -11.74 15.84
N ARG B 60 -16.13 -11.94 14.64
CA ARG B 60 -14.75 -12.45 14.49
CA ARG B 60 -14.75 -12.46 14.53
C ARG B 60 -13.69 -11.41 14.87
N TYR B 61 -13.89 -10.15 14.49
CA TYR B 61 -12.80 -9.18 14.69
C TYR B 61 -12.73 -8.64 16.08
N GLN B 62 -13.88 -8.59 16.75
CA GLN B 62 -13.97 -8.06 18.10
C GLN B 62 -13.57 -6.56 18.03
N GLU B 63 -12.73 -6.10 18.96
CA GLU B 63 -12.16 -4.73 19.00
C GLU B 63 -11.36 -4.30 17.76
N LYS B 64 -10.73 -5.28 17.08
CA LYS B 64 -9.91 -5.02 15.86
C LYS B 64 -10.71 -4.50 14.67
N TRP B 65 -12.02 -4.81 14.64
CA TRP B 65 -12.92 -4.36 13.57
C TRP B 65 -12.80 -2.87 13.37
N ASP B 66 -12.70 -2.09 14.44
CA ASP B 66 -12.46 -0.63 14.29
C ASP B 66 -11.00 -0.28 13.90
N LYS B 67 -10.05 -1.21 13.99
CA LYS B 67 -8.64 -1.00 13.62
C LYS B 67 -8.20 -1.54 12.23
N LEU B 68 -9.13 -2.16 11.48
CA LEU B 68 -8.79 -2.96 10.25
C LEU B 68 -8.57 -2.05 9.05
N LEU B 69 -7.75 -2.44 8.07
CA LEU B 69 -7.37 -1.49 6.98
C LEU B 69 -8.15 -1.67 5.65
N LEU B 70 -9.34 -1.08 5.61
CA LEU B 70 -10.26 -1.21 4.47
C LEU B 70 -11.42 -0.16 4.56
N THR B 71 -12.22 0.05 3.53
CA THR B 71 -13.37 0.97 3.56
C THR B 71 -14.60 0.06 3.41
N SER B 72 -15.49 0.03 4.42
CA SER B 72 -16.80 -0.71 4.28
C SER B 72 -17.96 0.27 4.11
N THR B 73 -18.92 -0.12 3.28
CA THR B 73 -20.09 0.71 2.97
C THR B 73 -21.32 -0.14 2.54
N GLU B 74 -22.51 0.42 2.77
CA GLU B 74 -23.76 -0.17 2.33
C GLU B 74 -23.89 0.02 0.85
N LYS B 75 -23.27 1.04 0.28
CA LYS B 75 -23.41 1.38 -1.14
C LYS B 75 -22.83 0.31 -2.08
N SER B 76 -23.33 0.26 -3.30
CA SER B 76 -22.74 -0.59 -4.33
C SER B 76 -21.42 -0.06 -4.90
N HIS B 77 -20.60 -0.97 -5.40
CA HIS B 77 -19.55 -0.54 -6.35
C HIS B 77 -20.00 0.42 -7.48
N VAL B 78 -21.22 0.26 -8.01
CA VAL B 78 -21.70 1.17 -9.07
C VAL B 78 -22.11 2.54 -8.56
N ASP B 79 -22.35 2.69 -7.26
CA ASP B 79 -22.52 4.03 -6.65
C ASP B 79 -21.16 4.71 -6.43
N LEU B 80 -20.05 3.99 -6.49
CA LEU B 80 -18.70 4.58 -6.13
C LEU B 80 -17.81 4.85 -7.33
N PHE B 81 -17.75 3.91 -8.26
CA PHE B 81 -16.82 3.92 -9.38
C PHE B 81 -17.57 4.03 -10.73
N PRO B 82 -17.01 4.75 -11.71
CA PRO B 82 -17.63 4.83 -13.04
C PRO B 82 -17.71 3.48 -13.71
N LYS B 83 -18.85 3.19 -14.35
CA LYS B 83 -19.13 1.84 -14.86
C LYS B 83 -18.13 1.29 -15.81
N ASP B 84 -17.58 2.15 -16.68
CA ASP B 84 -16.61 1.63 -17.64
C ASP B 84 -15.27 1.32 -16.96
N SER B 85 -15.06 1.69 -15.69
CA SER B 85 -13.83 1.24 -15.02
C SER B 85 -13.99 -0.10 -14.31
N ILE B 86 -15.21 -0.63 -14.19
CA ILE B 86 -15.46 -1.89 -13.42
C ILE B 86 -15.34 -3.18 -14.24
N ILE B 87 -14.70 -4.19 -13.69
CA ILE B 87 -14.80 -5.51 -14.24
C ILE B 87 -15.15 -6.49 -13.13
N TYR B 88 -16.26 -7.24 -13.30
CA TYR B 88 -16.68 -8.30 -12.36
C TYR B 88 -16.05 -9.59 -12.74
N LEU B 89 -15.28 -10.18 -11.81
CA LEU B 89 -14.68 -11.47 -12.04
C LEU B 89 -15.67 -12.61 -11.75
N THR B 90 -15.75 -13.53 -12.69
CA THR B 90 -16.51 -14.80 -12.52
C THR B 90 -16.04 -15.85 -13.51
N ALA B 91 -15.89 -17.07 -12.99
CA ALA B 91 -15.53 -18.23 -13.78
C ALA B 91 -16.47 -18.50 -14.98
N ASP B 92 -17.71 -18.02 -14.90
CA ASP B 92 -18.74 -18.25 -15.92
C ASP B 92 -18.70 -17.23 -17.02
N SER B 93 -17.80 -16.22 -16.94
CA SER B 93 -17.74 -15.21 -17.95
C SER B 93 -17.30 -15.88 -19.29
N PRO B 94 -17.85 -15.39 -20.40
CA PRO B 94 -17.33 -15.81 -21.68
C PRO B 94 -16.04 -15.04 -22.06
N ASN B 95 -15.63 -13.96 -21.35
CA ASN B 95 -14.43 -13.22 -21.74
C ASN B 95 -13.27 -13.69 -20.94
N VAL B 96 -12.30 -14.33 -21.61
CA VAL B 96 -11.05 -14.75 -20.95
C VAL B 96 -10.11 -13.53 -20.73
N MET B 97 -9.68 -13.35 -19.48
CA MET B 97 -8.72 -12.29 -19.11
C MET B 97 -7.30 -12.59 -19.72
N THR B 98 -6.75 -11.62 -20.41
CA THR B 98 -5.35 -11.71 -20.91
C THR B 98 -4.42 -10.75 -20.17
N THR B 99 -4.93 -9.63 -19.65
CA THR B 99 -4.05 -8.66 -19.01
C THR B 99 -4.57 -7.96 -17.70
N PHE B 100 -3.76 -7.98 -16.64
CA PHE B 100 -4.09 -7.23 -15.39
C PHE B 100 -3.99 -5.76 -15.68
N ARG B 101 -5.06 -5.02 -15.45
CA ARG B 101 -5.07 -3.62 -15.72
C ARG B 101 -5.12 -2.77 -14.44
N HIS B 102 -4.25 -1.74 -14.40
CA HIS B 102 -4.03 -0.89 -13.20
C HIS B 102 -5.05 0.19 -13.07
N ASP B 103 -5.72 0.50 -14.16
CA ASP B 103 -6.76 1.52 -14.20
C ASP B 103 -8.22 0.96 -14.12
N LYS B 104 -8.36 -0.29 -13.73
CA LYS B 104 -9.68 -0.89 -13.48
C LYS B 104 -9.91 -1.26 -12.00
N VAL B 105 -11.20 -1.32 -11.62
CA VAL B 105 -11.62 -1.87 -10.33
C VAL B 105 -12.22 -3.22 -10.57
N TYR B 106 -11.51 -4.25 -10.13
CA TYR B 106 -12.00 -5.62 -10.10
C TYR B 106 -12.99 -5.85 -8.91
N VAL B 107 -14.04 -6.64 -9.16
CA VAL B 107 -15.04 -7.03 -8.14
C VAL B 107 -15.07 -8.55 -8.05
N ILE B 108 -14.96 -9.04 -6.83
CA ILE B 108 -15.06 -10.44 -6.45
C ILE B 108 -16.32 -10.64 -5.60
N GLY B 109 -17.03 -11.72 -5.88
CA GLY B 109 -18.24 -12.08 -5.06
C GLY B 109 -17.93 -12.70 -3.72
N SER B 110 -18.47 -12.13 -2.63
CA SER B 110 -18.28 -12.74 -1.31
C SER B 110 -19.25 -13.89 -1.10
N PHE B 111 -18.89 -15.04 -1.66
CA PHE B 111 -19.83 -16.15 -1.85
C PHE B 111 -19.09 -17.50 -1.81
N VAL B 112 -19.53 -18.42 -0.95
CA VAL B 112 -19.05 -19.77 -0.97
C VAL B 112 -20.24 -20.62 -1.28
N ASP B 113 -20.19 -21.41 -2.36
CA ASP B 113 -21.29 -22.32 -2.74
C ASP B 113 -20.85 -23.78 -3.04
N LYS B 114 -19.57 -24.10 -2.89
CA LYS B 114 -19.03 -25.44 -3.23
C LYS B 114 -19.43 -25.79 -4.68
N SER B 115 -19.33 -24.79 -5.55
CA SER B 115 -19.77 -24.87 -6.95
C SER B 115 -21.28 -25.22 -7.24
N MET B 116 -22.13 -25.40 -6.24
CA MET B 116 -23.54 -25.76 -6.47
C MET B 116 -24.49 -24.68 -7.02
N GLN B 117 -24.02 -23.42 -7.12
CA GLN B 117 -24.86 -22.27 -7.49
C GLN B 117 -24.29 -21.48 -8.62
N PRO B 118 -24.18 -22.15 -9.79
CA PRO B 118 -23.52 -21.48 -10.88
C PRO B 118 -24.28 -20.31 -11.43
N GLY B 119 -23.55 -19.41 -12.09
CA GLY B 119 -24.13 -18.29 -12.76
C GLY B 119 -24.62 -17.14 -11.89
N THR B 120 -24.45 -17.23 -10.56
CA THR B 120 -24.98 -16.15 -9.64
C THR B 120 -24.30 -14.78 -9.82
N SER B 121 -22.97 -14.75 -9.78
CA SER B 121 -22.24 -13.50 -9.96
C SER B 121 -22.30 -12.92 -11.38
N LEU B 122 -22.28 -13.80 -12.38
CA LEU B 122 -22.50 -13.35 -13.77
C LEU B 122 -23.79 -12.62 -13.94
N ALA B 123 -24.87 -13.15 -13.34
CA ALA B 123 -26.17 -12.51 -13.41
C ALA B 123 -26.23 -11.17 -12.67
N LYS B 124 -25.52 -11.08 -11.56
CA LYS B 124 -25.45 -9.79 -10.85
C LYS B 124 -24.76 -8.74 -11.70
N ALA B 125 -23.71 -9.13 -12.43
CA ALA B 125 -23.03 -8.17 -13.31
C ALA B 125 -23.89 -7.76 -14.52
N LYS B 126 -24.45 -8.77 -15.22
CA LYS B 126 -25.37 -8.55 -16.37
C LYS B 126 -26.52 -7.64 -16.03
N ARG B 127 -27.18 -7.85 -14.90
CA ARG B 127 -28.19 -6.88 -14.39
C ARG B 127 -27.79 -5.40 -14.45
N LEU B 128 -26.54 -5.08 -14.12
CA LEU B 128 -26.11 -3.68 -14.05
C LEU B 128 -25.28 -3.30 -15.26
N ASN B 129 -25.30 -4.13 -16.30
CA ASN B 129 -24.59 -3.89 -17.55
C ASN B 129 -23.10 -3.75 -17.34
N LEU B 130 -22.51 -4.56 -16.49
CA LEU B 130 -21.11 -4.49 -16.18
C LEU B 130 -20.28 -5.50 -16.98
N ALA B 131 -19.08 -5.13 -17.40
CA ALA B 131 -18.07 -6.11 -17.96
C ALA B 131 -17.70 -7.24 -17.05
N THR B 132 -17.45 -8.43 -17.59
CA THR B 132 -16.98 -9.57 -16.86
C THR B 132 -15.74 -10.20 -17.50
N GLU B 133 -15.02 -11.00 -16.72
CA GLU B 133 -13.88 -11.78 -17.22
C GLU B 133 -13.71 -12.93 -16.34
N CYS B 134 -13.22 -14.05 -16.91
CA CYS B 134 -12.80 -15.24 -16.14
C CYS B 134 -11.30 -15.38 -16.19
N LEU B 135 -10.73 -16.07 -15.20
CA LEU B 135 -9.28 -16.25 -15.19
C LEU B 135 -8.93 -17.27 -16.28
N PRO B 136 -7.73 -17.14 -16.88
CA PRO B 136 -7.34 -18.02 -18.01
C PRO B 136 -6.79 -19.32 -17.52
N LEU B 137 -7.58 -20.08 -16.75
CA LEU B 137 -7.12 -21.31 -16.11
C LEU B 137 -6.87 -22.44 -17.13
N ASP B 138 -7.66 -22.47 -18.22
CA ASP B 138 -7.53 -23.53 -19.22
C ASP B 138 -6.23 -23.35 -20.02
N LYS B 139 -6.04 -22.15 -20.58
CA LYS B 139 -4.79 -21.77 -21.27
C LYS B 139 -3.53 -22.17 -20.50
N TYR B 140 -3.35 -21.71 -19.25
CA TYR B 140 -2.13 -22.05 -18.47
C TYR B 140 -2.20 -23.34 -17.63
N LEU B 141 -3.30 -24.07 -17.63
CA LEU B 141 -3.37 -25.37 -16.94
C LEU B 141 -4.38 -26.31 -17.62
N GLN B 142 -3.92 -27.09 -18.60
CA GLN B 142 -4.78 -27.93 -19.48
C GLN B 142 -5.53 -28.99 -18.67
N TRP B 143 -4.82 -30.03 -18.26
CA TRP B 143 -5.32 -30.90 -17.22
C TRP B 143 -4.94 -30.21 -15.89
N GLU B 144 -4.92 -30.97 -14.80
CA GLU B 144 -4.63 -30.44 -13.46
C GLU B 144 -5.81 -29.71 -12.76
N ILE B 145 -6.74 -29.08 -13.51
CA ILE B 145 -7.84 -28.27 -12.90
C ILE B 145 -8.73 -29.04 -11.89
N GLY B 146 -8.68 -28.64 -10.62
CA GLY B 146 -9.47 -29.29 -9.58
C GLY B 146 -10.93 -28.86 -9.46
N ASN B 147 -11.40 -27.91 -10.30
CA ASN B 147 -12.51 -26.97 -9.92
C ASN B 147 -12.12 -25.54 -10.32
N LYS B 148 -12.77 -24.94 -11.28
CA LYS B 148 -12.42 -23.56 -11.67
C LYS B 148 -12.89 -22.39 -10.71
N ASN B 149 -13.76 -22.68 -9.73
CA ASN B 149 -14.31 -21.63 -8.85
C ASN B 149 -13.45 -21.56 -7.61
N LEU B 150 -12.51 -20.61 -7.59
CA LEU B 150 -11.50 -20.52 -6.52
C LEU B 150 -12.01 -19.82 -5.23
N THR B 151 -11.30 -19.99 -4.12
CA THR B 151 -11.61 -19.26 -2.87
C THR B 151 -11.27 -17.73 -2.95
N LEU B 152 -11.82 -16.94 -2.01
CA LEU B 152 -11.57 -15.49 -2.00
C LEU B 152 -10.05 -15.22 -1.81
N ASP B 153 -9.44 -15.97 -0.90
CA ASP B 153 -8.02 -15.74 -0.59
C ASP B 153 -7.06 -16.25 -1.73
N GLN B 154 -7.43 -17.28 -2.45
CA GLN B 154 -6.72 -17.54 -3.73
C GLN B 154 -6.85 -16.44 -4.75
N MET B 155 -8.05 -15.86 -4.89
CA MET B 155 -8.24 -14.81 -5.85
C MET B 155 -7.35 -13.61 -5.52
N ILE B 156 -7.29 -13.21 -4.24
CA ILE B 156 -6.53 -11.98 -3.93
C ILE B 156 -5.00 -12.16 -4.14
N ARG B 157 -4.51 -13.33 -3.79
CA ARG B 157 -3.08 -13.69 -4.01
C ARG B 157 -2.68 -13.70 -5.49
N ILE B 158 -3.54 -14.24 -6.34
CA ILE B 158 -3.34 -14.20 -7.78
C ILE B 158 -3.32 -12.76 -8.26
N LEU B 159 -4.33 -11.98 -7.90
CA LEU B 159 -4.40 -10.60 -8.40
C LEU B 159 -3.21 -9.75 -7.86
N LEU B 160 -2.81 -9.99 -6.61
CA LEU B 160 -1.70 -9.16 -6.03
C LEU B 160 -0.38 -9.46 -6.82
N CYS B 161 -0.19 -10.73 -7.12
CA CYS B 161 0.98 -11.19 -7.98
C CYS B 161 1.01 -10.61 -9.39
N LEU B 162 -0.11 -10.69 -10.08
CA LEU B 162 -0.26 -10.09 -11.39
C LEU B 162 0.00 -8.59 -11.41
N LYS B 163 -0.54 -7.91 -10.38
CA LYS B 163 -0.41 -6.48 -10.22
C LYS B 163 1.09 -6.08 -10.02
N ASN B 164 1.79 -6.83 -9.18
CA ASN B 164 3.21 -6.55 -8.91
C ASN B 164 4.07 -6.83 -10.18
N ASN B 165 4.02 -8.05 -10.71
CA ASN B 165 5.00 -8.49 -11.76
C ASN B 165 4.52 -8.68 -13.16
N GLY B 166 3.20 -8.63 -13.38
CA GLY B 166 2.62 -8.81 -14.73
C GLY B 166 2.93 -10.16 -15.41
N ASN B 167 3.12 -11.26 -14.63
CA ASN B 167 3.41 -12.62 -15.18
C ASN B 167 2.39 -13.74 -14.85
N TRP B 168 1.62 -14.17 -15.88
CA TRP B 168 0.57 -15.23 -15.73
C TRP B 168 0.98 -16.53 -15.03
N GLN B 169 2.11 -17.07 -15.40
CA GLN B 169 2.56 -18.36 -14.86
C GLN B 169 2.93 -18.28 -13.40
N GLU B 170 3.62 -17.20 -13.04
CA GLU B 170 3.96 -16.99 -11.63
C GLU B 170 2.59 -16.76 -10.82
N ALA B 171 1.71 -15.93 -11.35
CA ALA B 171 0.46 -15.58 -10.56
C ALA B 171 -0.46 -16.78 -10.28
N LEU B 172 -0.55 -17.71 -11.22
CA LEU B 172 -1.37 -18.91 -11.04
C LEU B 172 -0.77 -19.99 -10.22
N GLN B 173 0.38 -19.74 -9.60
CA GLN B 173 0.96 -20.72 -8.64
C GLN B 173 0.01 -21.03 -7.49
N PHE B 174 -0.90 -20.10 -7.14
CA PHE B 174 -1.81 -20.30 -5.97
C PHE B 174 -3.04 -21.21 -6.24
N VAL B 175 -3.33 -21.49 -7.50
CA VAL B 175 -4.43 -22.42 -7.82
C VAL B 175 -4.05 -23.85 -7.32
N PRO B 176 -4.85 -24.47 -6.44
CA PRO B 176 -4.45 -25.77 -5.87
C PRO B 176 -4.36 -26.87 -6.94
N LYS B 177 -3.41 -27.81 -6.78
CA LYS B 177 -3.12 -28.85 -7.79
C LYS B 177 -3.24 -30.28 -7.26
N MET C 1 -9.57 30.02 21.01
CA MET C 1 -9.17 29.89 19.59
C MET C 1 -9.85 28.59 19.06
N GLN C 2 -10.43 28.66 17.87
CA GLN C 2 -11.19 27.55 17.34
C GLN C 2 -10.22 26.45 16.77
N PRO C 3 -10.27 25.22 17.30
CA PRO C 3 -9.51 24.12 16.64
C PRO C 3 -9.96 23.74 15.23
N LEU C 4 -8.98 23.35 14.42
CA LEU C 4 -9.15 22.78 13.07
C LEU C 4 -8.24 21.49 13.01
N VAL C 5 -8.84 20.35 12.68
CA VAL C 5 -8.13 19.06 12.71
C VAL C 5 -7.80 18.57 11.31
N PHE C 6 -6.53 18.15 11.12
CA PHE C 6 -6.08 17.39 9.92
C PHE C 6 -5.88 15.96 10.43
N ASP C 7 -6.71 15.04 9.90
CA ASP C 7 -6.73 13.63 10.35
C ASP C 7 -5.70 12.77 9.59
N MET C 8 -4.71 12.26 10.29
CA MET C 8 -3.55 11.61 9.63
C MET C 8 -3.68 10.07 9.50
N ALA C 9 -4.92 9.55 9.58
CA ALA C 9 -5.20 8.11 9.57
C ALA C 9 -5.26 7.50 8.13
N TYR C 10 -4.60 8.11 7.15
CA TYR C 10 -4.68 7.70 5.75
C TYR C 10 -3.35 7.09 5.14
N GLU C 11 -2.29 6.99 5.93
CA GLU C 11 -0.97 6.52 5.38
C GLU C 11 -1.06 5.16 4.69
N ASN C 12 -1.81 4.22 5.26
CA ASN C 12 -1.93 2.90 4.61
C ASN C 12 -2.80 2.86 3.39
N TYR C 13 -3.34 4.00 3.00
CA TYR C 13 -4.11 4.13 1.77
C TYR C 13 -3.39 4.91 0.70
N MET C 14 -2.13 5.29 0.93
CA MET C 14 -1.41 6.06 -0.03
C MET C 14 -0.06 5.37 -0.41
N LYS C 15 0.29 5.44 -1.66
CA LYS C 15 1.65 5.17 -2.13
C LYS C 15 2.55 6.37 -1.88
N ARG C 16 3.86 6.13 -2.03
CA ARG C 16 4.85 7.13 -1.68
C ARG C 16 4.60 8.53 -2.30
N LYS C 17 4.36 8.61 -3.60
CA LYS C 17 4.19 9.95 -4.24
C LYS C 17 2.97 10.77 -3.68
N GLU C 18 1.89 10.08 -3.39
CA GLU C 18 0.68 10.73 -2.81
C GLU C 18 0.93 11.18 -1.39
N LEU C 19 1.69 10.36 -0.65
CA LEU C 19 2.04 10.69 0.70
C LEU C 19 2.90 11.97 0.72
N GLN C 20 3.87 12.08 -0.18
CA GLN C 20 4.76 13.27 -0.29
C GLN C 20 3.96 14.54 -0.65
N ASN C 21 3.02 14.40 -1.59
CA ASN C 21 2.12 15.49 -1.95
C ASN C 21 1.17 15.94 -0.84
N THR C 22 0.69 14.99 -0.05
CA THR C 22 -0.07 15.31 1.17
C THR C 22 0.76 16.21 2.11
N VAL C 23 2.00 15.83 2.41
CA VAL C 23 2.88 16.69 3.22
C VAL C 23 3.14 18.10 2.64
N SER C 24 3.36 18.23 1.34
CA SER C 24 3.45 19.56 0.69
C SER C 24 2.18 20.41 0.84
N GLN C 25 1.01 19.78 0.65
CA GLN C 25 -0.25 20.45 0.92
C GLN C 25 -0.43 20.89 2.41
N LEU C 26 -0.02 20.03 3.35
CA LEU C 26 -0.03 20.40 4.76
C LEU C 26 0.87 21.65 5.07
N LEU C 27 2.09 21.65 4.53
CA LEU C 27 3.00 22.84 4.63
C LEU C 27 2.33 24.08 4.08
N GLU C 28 1.73 24.01 2.90
CA GLU C 28 1.03 25.17 2.35
C GLU C 28 -0.07 25.63 3.29
N SER C 29 -0.80 24.66 3.87
CA SER C 29 -1.99 24.94 4.67
C SER C 29 -1.57 25.66 5.96
N GLU C 30 -0.51 25.19 6.60
CA GLU C 30 0.01 25.84 7.81
C GLU C 30 0.48 27.29 7.47
N GLY C 31 1.02 27.46 6.26
CA GLY C 31 1.45 28.76 5.74
C GLY C 31 0.31 29.75 5.68
N TRP C 32 -0.79 29.37 5.03
CA TRP C 32 -1.92 30.26 4.92
C TRP C 32 -2.53 30.60 6.27
N ASN C 33 -2.53 29.64 7.18
CA ASN C 33 -3.10 29.86 8.51
C ASN C 33 -2.27 30.90 9.22
N ARG C 34 -0.97 30.73 9.16
CA ARG C 34 -0.08 31.62 9.94
C ARG C 34 -0.07 33.09 9.40
N ARG C 35 -0.28 33.32 8.12
CA ARG C 35 -0.41 34.65 7.57
C ARG C 35 -1.82 35.27 7.74
N ASN C 36 -2.72 34.66 8.50
CA ASN C 36 -4.12 35.14 8.51
C ASN C 36 -4.30 35.99 9.76
N VAL C 37 -5.11 37.04 9.63
CA VAL C 37 -5.44 37.91 10.77
C VAL C 37 -6.13 37.13 11.92
N ASP C 38 -6.94 36.11 11.59
CA ASP C 38 -7.80 35.46 12.58
C ASP C 38 -7.73 33.88 12.46
N PRO C 39 -6.58 33.30 12.85
CA PRO C 39 -6.31 31.90 12.46
C PRO C 39 -6.96 30.85 13.34
N PHE C 40 -7.02 29.62 12.81
CA PHE C 40 -7.31 28.42 13.65
C PHE C 40 -6.15 28.04 14.55
N HIS C 41 -6.45 27.34 15.64
CA HIS C 41 -5.45 26.48 16.28
C HIS C 41 -5.45 25.12 15.49
N ILE C 42 -4.42 24.92 14.68
CA ILE C 42 -4.25 23.66 13.92
C ILE C 42 -3.86 22.51 14.83
N TYR C 43 -4.62 21.41 14.72
CA TYR C 43 -4.23 20.07 15.30
C TYR C 43 -3.96 18.99 14.18
N PHE C 44 -2.91 18.17 14.39
CA PHE C 44 -2.59 16.98 13.53
C PHE C 44 -2.93 15.80 14.46
N CYS C 45 -4.10 15.19 14.23
CA CYS C 45 -4.50 14.05 15.05
C CYS C 45 -4.18 12.68 14.35
N ASN C 46 -4.17 11.60 15.11
CA ASN C 46 -3.88 10.22 14.62
C ASN C 46 -2.52 10.16 13.93
N LEU C 47 -1.56 11.00 14.36
CA LEU C 47 -0.21 11.04 13.75
C LEU C 47 0.68 10.03 14.38
N LYS C 48 0.85 8.87 13.73
CA LYS C 48 1.67 7.78 14.34
C LYS C 48 3.16 8.21 14.44
N ILE C 49 3.70 8.08 15.65
CA ILE C 49 5.10 8.39 15.89
C ILE C 49 6.01 7.47 15.08
N ASP C 50 6.98 8.05 14.39
CA ASP C 50 7.83 7.28 13.48
C ASP C 50 7.12 6.48 12.38
N GLY C 51 5.85 6.80 12.07
CA GLY C 51 5.20 6.37 10.84
C GLY C 51 5.77 7.17 9.66
N ALA C 52 5.36 6.82 8.47
CA ALA C 52 5.76 7.59 7.26
C ALA C 52 5.43 9.09 7.17
N LEU C 53 4.20 9.48 7.53
CA LEU C 53 3.83 10.90 7.51
C LEU C 53 4.68 11.71 8.50
N HIS C 54 4.89 11.16 9.69
CA HIS C 54 5.67 11.83 10.71
C HIS C 54 7.13 11.99 10.28
N ARG C 55 7.69 10.95 9.67
CA ARG C 55 9.06 11.06 9.10
C ARG C 55 9.12 12.07 8.02
N GLU C 56 8.16 12.06 7.10
CA GLU C 56 8.21 13.00 6.00
C GLU C 56 8.04 14.45 6.50
N LEU C 57 7.14 14.67 7.48
CA LEU C 57 6.99 16.02 8.09
C LEU C 57 8.30 16.54 8.68
N VAL C 58 9.00 15.68 9.41
CA VAL C 58 10.30 16.09 10.01
C VAL C 58 11.41 16.44 8.96
N LYS C 59 11.44 15.69 7.87
CA LYS C 59 12.42 15.86 6.80
C LYS C 59 12.18 17.21 6.11
N ARG C 60 10.90 17.51 5.83
CA ARG C 60 10.50 18.73 5.16
CA ARG C 60 10.63 18.81 5.25
C ARG C 60 10.69 19.96 6.08
N TYR C 61 10.54 19.83 7.39
CA TYR C 61 10.63 21.02 8.26
C TYR C 61 11.99 21.27 8.88
N GLN C 62 12.76 20.19 9.08
CA GLN C 62 14.10 20.31 9.65
C GLN C 62 14.00 21.01 11.01
N GLU C 63 14.87 21.99 11.28
CA GLU C 63 14.93 22.72 12.56
C GLU C 63 13.62 23.48 12.90
N LYS C 64 12.84 23.84 11.89
CA LYS C 64 11.53 24.46 12.12
C LYS C 64 10.48 23.57 12.82
N TRP C 65 10.65 22.24 12.87
CA TRP C 65 9.62 21.29 13.38
C TRP C 65 9.35 21.47 14.90
N ASP C 66 10.42 21.62 15.70
CA ASP C 66 10.29 22.01 17.13
C ASP C 66 9.68 23.41 17.35
N LYS C 67 9.68 24.29 16.34
CA LYS C 67 9.11 25.65 16.41
C LYS C 67 7.65 25.86 15.93
N LEU C 68 7.06 24.90 15.20
CA LEU C 68 5.69 25.09 14.67
C LEU C 68 4.66 25.35 15.75
N LEU C 69 3.71 26.20 15.40
CA LEU C 69 2.58 26.50 16.25
C LEU C 69 1.39 25.68 15.72
N LEU C 70 1.34 24.49 16.19
CA LEU C 70 0.25 23.52 15.83
C LEU C 70 0.56 22.44 16.80
N THR C 71 -0.47 21.71 17.19
CA THR C 71 -0.36 20.69 18.18
C THR C 71 -0.49 19.33 17.42
N SER C 72 0.48 18.42 17.57
CA SER C 72 0.39 17.11 16.92
C SER C 72 0.35 16.05 18.00
N THR C 73 -0.46 15.00 17.79
CA THR C 73 -0.64 13.95 18.78
C THR C 73 -1.03 12.61 18.02
N GLU C 74 -0.75 11.48 18.65
CA GLU C 74 -1.23 10.13 18.21
C GLU C 74 -2.70 9.95 18.46
N LYS C 75 -3.29 10.73 19.36
CA LYS C 75 -4.70 10.59 19.69
C LYS C 75 -5.62 11.05 18.58
N SER C 76 -6.84 10.50 18.53
CA SER C 76 -7.89 10.91 17.61
C SER C 76 -8.60 12.21 18.09
N HIS C 77 -9.12 12.97 17.14
CA HIS C 77 -10.14 13.98 17.36
C HIS C 77 -11.22 13.57 18.36
N VAL C 78 -11.74 12.33 18.26
CA VAL C 78 -12.74 11.86 19.25
C VAL C 78 -12.18 11.64 20.64
N ASP C 79 -10.86 11.53 20.80
CA ASP C 79 -10.30 11.48 22.16
C ASP C 79 -10.13 12.88 22.76
N LEU C 80 -10.16 13.95 21.97
CA LEU C 80 -9.92 15.31 22.48
C LEU C 80 -11.19 16.15 22.57
N PHE C 81 -12.06 16.11 21.56
CA PHE C 81 -13.23 16.98 21.51
C PHE C 81 -14.55 16.22 21.69
N PRO C 82 -15.58 16.87 22.28
CA PRO C 82 -16.87 16.15 22.40
C PRO C 82 -17.51 15.89 21.04
N LYS C 83 -18.11 14.71 20.89
CA LYS C 83 -18.68 14.28 19.61
C LYS C 83 -19.61 15.24 19.03
N ASP C 84 -20.45 15.84 19.87
CA ASP C 84 -21.38 16.88 19.40
C ASP C 84 -20.74 18.10 18.78
N SER C 85 -19.49 18.40 19.10
CA SER C 85 -18.81 19.56 18.49
C SER C 85 -18.11 19.25 17.11
N ILE C 86 -17.99 17.96 16.77
CA ILE C 86 -17.25 17.55 15.53
C ILE C 86 -18.11 17.56 14.29
N ILE C 87 -17.57 18.10 13.22
CA ILE C 87 -18.06 17.88 11.88
C ILE C 87 -16.91 17.40 10.92
N TYR C 88 -17.08 16.24 10.29
CA TYR C 88 -16.07 15.70 9.34
C TYR C 88 -16.46 16.19 7.96
N LEU C 89 -15.64 17.02 7.33
CA LEU C 89 -15.91 17.43 5.98
C LEU C 89 -15.54 16.33 4.93
N THR C 90 -16.43 16.08 3.97
CA THR C 90 -16.20 15.18 2.85
C THR C 90 -17.10 15.50 1.69
N ALA C 91 -16.56 15.54 0.49
CA ALA C 91 -17.37 15.76 -0.71
C ALA C 91 -18.47 14.67 -0.88
N ASP C 92 -18.33 13.52 -0.25
CA ASP C 92 -19.32 12.48 -0.35
C ASP C 92 -20.50 12.57 0.66
N SER C 93 -20.49 13.54 1.56
CA SER C 93 -21.54 13.67 2.56
C SER C 93 -22.88 13.93 1.83
N PRO C 94 -23.97 13.38 2.34
CA PRO C 94 -25.29 13.85 1.88
C PRO C 94 -25.73 15.26 2.38
N ASN C 95 -25.05 15.81 3.39
CA ASN C 95 -25.46 17.07 4.05
C ASN C 95 -24.74 18.31 3.49
N VAL C 96 -25.43 19.14 2.74
CA VAL C 96 -24.80 20.32 2.16
C VAL C 96 -24.62 21.38 3.24
N MET C 97 -23.39 21.86 3.41
CA MET C 97 -23.07 22.91 4.37
C MET C 97 -23.71 24.23 3.92
N THR C 98 -24.41 24.89 4.84
CA THR C 98 -24.99 26.24 4.61
C THR C 98 -24.29 27.33 5.38
N THR C 99 -23.86 27.06 6.63
CA THR C 99 -23.22 28.11 7.42
C THR C 99 -22.00 27.64 8.30
N PHE C 100 -20.94 28.45 8.27
CA PHE C 100 -19.76 28.25 9.07
C PHE C 100 -20.07 28.47 10.51
N ARG C 101 -19.74 27.55 11.38
CA ARG C 101 -20.02 27.69 12.80
C ARG C 101 -18.75 27.82 13.61
N HIS C 102 -18.69 28.84 14.49
CA HIS C 102 -17.49 29.19 15.28
C HIS C 102 -17.34 28.24 16.44
N ASP C 103 -18.39 27.52 16.83
CA ASP C 103 -18.29 26.63 17.97
C ASP C 103 -18.15 25.13 17.61
N LYS C 104 -17.87 24.86 16.34
CA LYS C 104 -17.57 23.51 15.85
C LYS C 104 -16.06 23.22 15.51
N VAL C 105 -15.64 21.97 15.70
CA VAL C 105 -14.30 21.47 15.23
C VAL C 105 -14.47 20.78 13.90
N TYR C 106 -14.09 21.42 12.81
CA TYR C 106 -14.09 20.76 11.50
C TYR C 106 -12.86 19.78 11.34
N VAL C 107 -13.07 18.63 10.68
CA VAL C 107 -12.02 17.62 10.42
C VAL C 107 -11.83 17.45 8.90
N ILE C 108 -10.58 17.58 8.43
CA ILE C 108 -10.22 17.43 7.06
C ILE C 108 -9.30 16.17 6.97
N GLY C 109 -9.51 15.32 5.99
CA GLY C 109 -8.68 14.10 5.91
C GLY C 109 -7.40 14.42 5.21
N SER C 110 -6.31 14.02 5.81
CA SER C 110 -5.00 14.26 5.18
C SER C 110 -4.69 13.18 4.13
N PHE C 111 -5.19 13.40 2.93
CA PHE C 111 -5.32 12.35 1.98
C PHE C 111 -5.36 12.91 0.60
N VAL C 112 -4.40 12.47 -0.23
CA VAL C 112 -4.39 12.75 -1.66
C VAL C 112 -4.61 11.43 -2.45
N ASP C 113 -5.66 11.39 -3.30
CA ASP C 113 -6.01 10.20 -4.08
C ASP C 113 -6.27 10.51 -5.55
N LYS C 114 -6.22 11.77 -5.94
CA LYS C 114 -6.72 12.14 -7.29
C LYS C 114 -8.17 11.70 -7.62
N SER C 115 -9.01 11.65 -6.59
CA SER C 115 -10.45 11.30 -6.64
C SER C 115 -10.73 9.84 -6.97
N MET C 116 -9.70 8.98 -6.95
CA MET C 116 -9.79 7.56 -7.29
C MET C 116 -10.18 6.66 -6.14
N GLN C 117 -10.21 7.18 -4.91
CA GLN C 117 -10.55 6.35 -3.74
C GLN C 117 -11.74 6.98 -2.99
N PRO C 118 -12.89 6.98 -3.68
CA PRO C 118 -14.10 7.62 -3.12
C PRO C 118 -14.61 6.96 -1.88
N GLY C 119 -15.25 7.78 -1.05
CA GLY C 119 -15.92 7.27 0.14
C GLY C 119 -15.06 6.96 1.32
N THR C 120 -13.74 7.24 1.25
CA THR C 120 -12.86 6.77 2.30
C THR C 120 -13.13 7.62 3.61
N SER C 121 -13.10 8.93 3.49
CA SER C 121 -13.30 9.80 4.69
C SER C 121 -14.76 9.63 5.26
N LEU C 122 -15.72 9.57 4.36
CA LEU C 122 -17.14 9.25 4.79
C LEU C 122 -17.24 7.99 5.64
N ALA C 123 -16.62 6.89 5.25
CA ALA C 123 -16.69 5.72 6.10
C ALA C 123 -15.96 5.82 7.46
N LYS C 124 -14.83 6.53 7.52
CA LYS C 124 -14.15 6.74 8.79
C LYS C 124 -15.04 7.57 9.78
N ALA C 125 -15.76 8.54 9.22
CA ALA C 125 -16.72 9.37 10.05
C ALA C 125 -17.89 8.47 10.57
N LYS C 126 -18.50 7.74 9.64
CA LYS C 126 -19.65 6.87 9.98
C LYS C 126 -19.29 5.85 11.01
N ARG C 127 -18.08 5.31 10.94
CA ARG C 127 -17.66 4.28 11.91
C ARG C 127 -17.62 4.81 13.35
N LEU C 128 -17.35 6.11 13.53
CA LEU C 128 -17.29 6.72 14.88
C LEU C 128 -18.56 7.55 15.26
N ASN C 129 -19.58 7.45 14.43
CA ASN C 129 -20.86 8.08 14.62
C ASN C 129 -20.75 9.61 14.54
N LEU C 130 -20.01 10.13 13.54
CA LEU C 130 -19.69 11.56 13.51
C LEU C 130 -20.54 12.19 12.50
N ALA C 131 -21.00 13.42 12.75
CA ALA C 131 -21.63 14.22 11.72
C ALA C 131 -20.69 14.61 10.54
N THR C 132 -21.25 14.75 9.34
CA THR C 132 -20.56 15.10 8.12
C THR C 132 -21.24 16.17 7.35
N GLU C 133 -20.45 16.95 6.63
CA GLU C 133 -20.95 17.87 5.61
C GLU C 133 -20.05 17.96 4.41
N CYS C 134 -20.62 18.30 3.26
CA CYS C 134 -19.92 18.64 2.05
C CYS C 134 -20.05 20.13 1.70
N LEU C 135 -19.12 20.66 0.89
CA LEU C 135 -19.20 22.05 0.48
C LEU C 135 -20.31 22.30 -0.53
N PRO C 136 -20.93 23.50 -0.50
CA PRO C 136 -21.99 23.80 -1.47
C PRO C 136 -21.47 24.19 -2.87
N LEU C 137 -20.79 23.28 -3.56
CA LEU C 137 -20.14 23.65 -4.80
C LEU C 137 -21.10 23.68 -5.98
N ASP C 138 -22.01 22.74 -6.01
CA ASP C 138 -23.07 22.66 -7.00
C ASP C 138 -23.99 23.87 -6.90
N LYS C 139 -24.43 24.20 -5.69
CA LYS C 139 -25.19 25.43 -5.54
C LYS C 139 -24.46 26.65 -6.16
N TYR C 140 -23.24 26.98 -5.73
CA TYR C 140 -22.61 28.28 -6.10
C TYR C 140 -21.66 28.35 -7.32
N LEU C 141 -21.40 27.23 -7.98
CA LEU C 141 -20.50 27.21 -9.15
C LEU C 141 -21.05 26.25 -10.22
N GLN C 142 -22.37 26.32 -10.41
CA GLN C 142 -23.21 25.22 -10.91
C GLN C 142 -22.63 24.39 -12.07
N TRP C 143 -22.09 25.06 -13.09
CA TRP C 143 -21.58 24.39 -14.31
C TRP C 143 -20.05 24.46 -14.56
N GLU C 144 -19.30 25.21 -13.73
CA GLU C 144 -17.84 25.42 -13.90
C GLU C 144 -17.03 24.45 -13.02
N ILE C 145 -17.65 23.31 -12.69
CA ILE C 145 -17.33 22.50 -11.49
C ILE C 145 -15.99 21.75 -11.52
N GLY C 146 -15.67 21.08 -12.62
CA GLY C 146 -14.50 20.20 -12.72
C GLY C 146 -14.54 19.01 -11.77
N ASN C 147 -13.64 19.02 -10.80
CA ASN C 147 -13.54 17.99 -9.79
C ASN C 147 -13.94 18.54 -8.39
N LYS C 148 -14.85 17.87 -7.72
CA LYS C 148 -15.38 18.32 -6.42
C LYS C 148 -14.46 18.04 -5.20
N ASN C 149 -13.47 17.13 -5.35
CA ASN C 149 -12.59 16.81 -4.22
C ASN C 149 -11.41 17.74 -4.22
N LEU C 150 -11.46 18.76 -3.36
CA LEU C 150 -10.42 19.83 -3.30
C LEU C 150 -9.14 19.43 -2.58
N THR C 151 -8.06 20.22 -2.75
CA THR C 151 -6.81 20.00 -1.99
C THR C 151 -6.91 20.46 -0.56
N LEU C 152 -5.99 20.05 0.30
CA LEU C 152 -5.98 20.47 1.70
C LEU C 152 -5.89 21.97 1.88
N ASP C 153 -4.98 22.55 1.11
CA ASP C 153 -4.75 23.98 1.18
C ASP C 153 -5.92 24.83 0.54
N GLN C 154 -6.50 24.35 -0.55
CA GLN C 154 -7.80 24.89 -1.03
C GLN C 154 -8.87 24.90 0.07
N MET C 155 -9.03 23.79 0.79
CA MET C 155 -9.94 23.74 1.93
C MET C 155 -9.65 24.76 3.01
N ILE C 156 -8.40 24.88 3.47
CA ILE C 156 -8.18 25.77 4.60
C ILE C 156 -8.43 27.27 4.21
N ARG C 157 -8.16 27.65 2.96
CA ARG C 157 -8.41 29.02 2.47
C ARG C 157 -9.89 29.34 2.34
N ILE C 158 -10.67 28.33 1.94
CA ILE C 158 -12.13 28.43 1.92
C ILE C 158 -12.59 28.63 3.36
N LEU C 159 -12.14 27.78 4.27
CA LEU C 159 -12.57 27.90 5.66
C LEU C 159 -12.14 29.20 6.38
N LEU C 160 -10.95 29.69 6.08
CA LEU C 160 -10.45 30.98 6.65
C LEU C 160 -11.28 32.20 6.18
N CYS C 161 -11.59 32.25 4.87
CA CYS C 161 -12.43 33.29 4.32
C CYS C 161 -13.85 33.28 4.94
N LEU C 162 -14.46 32.11 5.13
CA LEU C 162 -15.74 31.98 5.85
C LEU C 162 -15.66 32.41 7.29
N LYS C 163 -14.56 32.04 7.92
CA LYS C 163 -14.38 32.38 9.33
C LYS C 163 -14.23 33.90 9.53
N ASN C 164 -13.73 34.60 8.50
CA ASN C 164 -13.54 36.06 8.51
C ASN C 164 -14.83 36.76 7.95
N ASN C 165 -15.98 36.13 8.16
CA ASN C 165 -17.31 36.59 7.75
C ASN C 165 -17.49 36.89 6.28
N GLY C 166 -16.75 36.19 5.42
CA GLY C 166 -16.93 36.27 3.97
C GLY C 166 -18.17 35.49 3.60
N ASN C 167 -18.66 35.66 2.37
CA ASN C 167 -19.78 34.87 1.86
C ASN C 167 -19.29 33.80 0.87
N TRP C 168 -20.21 32.94 0.48
CA TRP C 168 -19.91 31.79 -0.35
C TRP C 168 -19.25 32.13 -1.66
N GLN C 169 -19.66 33.21 -2.31
CA GLN C 169 -19.09 33.59 -3.62
C GLN C 169 -17.64 34.00 -3.43
N GLU C 170 -17.38 34.70 -2.34
CA GLU C 170 -16.04 35.14 -2.00
C GLU C 170 -15.15 33.94 -1.61
N ALA C 171 -15.61 33.13 -0.64
CA ALA C 171 -14.90 31.95 -0.10
C ALA C 171 -14.54 30.90 -1.15
N LEU C 172 -15.38 30.73 -2.16
CA LEU C 172 -15.14 29.78 -3.23
C LEU C 172 -14.38 30.33 -4.44
N GLN C 173 -13.82 31.53 -4.34
CA GLN C 173 -12.86 31.99 -5.36
C GLN C 173 -11.62 31.06 -5.46
N PHE C 174 -11.33 30.29 -4.41
CA PHE C 174 -10.20 29.37 -4.39
C PHE C 174 -10.41 28.08 -5.18
N VAL C 175 -11.64 27.76 -5.55
CA VAL C 175 -11.87 26.51 -6.28
C VAL C 175 -11.30 26.65 -7.70
N PRO C 176 -10.60 25.62 -8.22
CA PRO C 176 -10.15 25.73 -9.60
C PRO C 176 -11.32 25.63 -10.57
N LYS C 177 -11.34 26.50 -11.57
CA LYS C 177 -12.26 26.38 -12.69
C LYS C 177 -11.51 25.45 -13.67
N ARG C 178 -12.04 24.25 -13.86
CA ARG C 178 -11.40 23.25 -14.72
C ARG C 178 -12.29 22.04 -14.83
#